data_9F4N
#
_entry.id   9F4N
#
_cell.length_a   38.054
_cell.length_b   43.909
_cell.length_c   56.043
_cell.angle_alpha   90.000
_cell.angle_beta   94.100
_cell.angle_gamma   90.000
#
_symmetry.space_group_name_H-M   'P 1 21 1'
#
loop_
_entity.id
_entity.type
_entity.pdbx_description
1 polymer 'Heterogeneous nuclear ribonucleoprotein A1, N-terminally processed'
2 non-polymer 1-[4-(3-phenylpropyl)piperazin-1-yl]ethan-1-one
3 water water
#
_entity_poly.entity_id   1
_entity_poly.type   'polypeptide(L)'
_entity_poly.pdbx_seq_one_letter_code
;GPMGSKSESPKEPEQLRKLFIGGLSFETTDESLRSHFEQWGTLTDCVVMRDPNTKRSRGFGFVTYATVEEVDAAMNARPH
KVDGRVVEPKRAVSREDSQRPGAHLTVKKIFVGGIKEDTEEHHLRDYFEQYGKIEVIEIMTDRGSGKKRGFAFVTFDDHD
SVDKIVIQKYHTVNGHNCEVRKALSKQEMASASSSQRG
;
_entity_poly.pdbx_strand_id   A
#
# COMPACT_ATOMS: atom_id res chain seq x y z
N GLU A 12 1.35 14.70 9.25
CA GLU A 12 0.39 13.79 8.64
C GLU A 12 -0.36 13.07 9.76
N PRO A 13 -1.65 12.78 9.52
CA PRO A 13 -2.41 11.98 10.50
C PRO A 13 -1.67 10.70 10.85
N GLU A 14 -1.68 10.39 12.15
CA GLU A 14 -0.94 9.23 12.65
C GLU A 14 -1.37 7.94 11.96
N GLN A 15 -2.65 7.81 11.63
CA GLN A 15 -3.13 6.59 10.98
C GLN A 15 -2.37 6.31 9.70
N LEU A 16 -1.96 7.36 8.98
CA LEU A 16 -1.27 7.20 7.71
C LEU A 16 0.23 6.99 7.89
N ARG A 17 0.71 7.00 9.13
CA ARG A 17 2.11 6.80 9.44
C ARG A 17 2.38 5.44 10.07
N LYS A 18 1.35 4.60 10.18
CA LYS A 18 1.48 3.30 10.83
C LYS A 18 1.74 2.20 9.80
N LEU A 19 2.47 1.19 10.24
CA LEU A 19 2.54 -0.05 9.49
C LEU A 19 2.15 -1.16 10.44
N PHE A 20 1.13 -1.93 10.04
N PHE A 20 1.26 -2.03 9.97
CA PHE A 20 0.82 -3.16 10.72
CA PHE A 20 0.78 -3.16 10.76
C PHE A 20 1.82 -4.18 10.23
C PHE A 20 1.55 -4.38 10.25
N ILE A 21 2.35 -4.99 11.14
CA ILE A 21 3.37 -5.96 10.78
C ILE A 21 2.83 -7.33 11.17
N GLY A 22 2.43 -8.15 10.19
CA GLY A 22 2.02 -9.51 10.45
C GLY A 22 3.15 -10.51 10.28
N GLY A 23 2.90 -11.73 10.78
CA GLY A 23 3.84 -12.81 10.56
C GLY A 23 5.10 -12.72 11.39
N LEU A 24 5.05 -12.05 12.54
CA LEU A 24 6.24 -11.94 13.37
C LEU A 24 6.67 -13.28 13.93
N SER A 25 7.97 -13.43 14.11
CA SER A 25 8.46 -14.44 15.04
C SER A 25 7.89 -14.17 16.42
N PHE A 26 7.48 -15.23 17.11
CA PHE A 26 7.00 -15.08 18.48
C PHE A 26 8.10 -14.57 19.41
N GLU A 27 9.37 -14.65 19.01
CA GLU A 27 10.44 -14.12 19.81
C GLU A 27 10.74 -12.63 19.56
N THR A 28 10.07 -12.01 18.59
CA THR A 28 10.26 -10.58 18.38
C THR A 28 9.65 -9.78 19.53
N THR A 29 10.37 -8.77 19.98
CA THR A 29 9.95 -7.91 21.08
C THR A 29 9.75 -6.49 20.59
N ASP A 30 9.15 -5.65 21.45
CA ASP A 30 9.08 -4.22 21.13
C ASP A 30 10.44 -3.69 20.73
N GLU A 31 11.46 -4.09 21.48
CA GLU A 31 12.80 -3.57 21.25
C GLU A 31 13.41 -4.07 19.95
N SER A 32 13.24 -5.36 19.63
CA SER A 32 13.84 -5.87 18.39
C SER A 32 13.06 -5.41 17.17
N LEU A 33 11.74 -5.29 17.28
CA LEU A 33 10.97 -4.72 16.18
C LEU A 33 11.38 -3.27 15.92
N ARG A 34 11.59 -2.51 17.00
CA ARG A 34 12.01 -1.12 16.86
C ARG A 34 13.39 -1.01 16.22
N SER A 35 14.36 -1.79 16.72
CA SER A 35 15.71 -1.70 16.16
C SER A 35 15.71 -2.03 14.67
N HIS A 36 14.86 -2.97 14.26
CA HIS A 36 14.78 -3.29 12.84
C HIS A 36 14.22 -2.11 12.06
N PHE A 37 13.02 -1.64 12.44
CA PHE A 37 12.33 -0.68 11.60
C PHE A 37 12.88 0.74 11.72
N GLU A 38 13.67 1.03 12.75
CA GLU A 38 14.31 2.34 12.80
C GLU A 38 15.34 2.52 11.70
N GLN A 39 15.70 1.49 10.95
CA GLN A 39 16.60 1.71 9.84
C GLN A 39 15.99 2.62 8.77
N TRP A 40 14.67 2.76 8.72
CA TRP A 40 14.00 3.52 7.66
C TRP A 40 13.32 4.77 8.14
N GLY A 41 13.45 5.11 9.41
CA GLY A 41 12.88 6.37 9.88
C GLY A 41 12.78 6.39 11.39
N THR A 42 12.36 7.55 11.89
CA THR A 42 12.11 7.75 13.31
C THR A 42 10.80 7.08 13.68
N LEU A 43 10.82 6.24 14.70
CA LEU A 43 9.61 5.55 15.17
C LEU A 43 9.10 6.24 16.42
N THR A 44 7.89 6.79 16.32
CA THR A 44 7.22 7.36 17.47
C THR A 44 6.49 6.31 18.31
N ASP A 45 6.29 5.10 17.78
CA ASP A 45 5.60 4.02 18.47
C ASP A 45 6.03 2.70 17.87
N CYS A 46 6.05 1.65 18.69
CA CYS A 46 6.42 0.32 18.22
C CYS A 46 5.95 -0.69 19.25
N VAL A 47 5.00 -1.53 18.85
CA VAL A 47 4.37 -2.48 19.79
C VAL A 47 4.23 -3.87 19.20
N VAL A 48 4.60 -4.87 19.98
CA VAL A 48 4.29 -6.28 19.63
C VAL A 48 3.04 -6.64 20.43
N MET A 49 2.04 -7.14 19.74
CA MET A 49 0.80 -7.56 20.42
C MET A 49 1.00 -8.90 21.14
N ARG A 50 0.57 -8.91 22.39
CA ARG A 50 0.74 -10.12 23.21
C ARG A 50 -0.57 -10.49 23.91
N ASP A 51 -0.66 -11.76 24.29
CA ASP A 51 -1.78 -12.21 25.09
C ASP A 51 -1.76 -11.53 26.45
N PRO A 52 -2.92 -11.08 26.95
CA PRO A 52 -2.94 -10.36 28.22
C PRO A 52 -2.62 -11.22 29.43
N ASN A 53 -2.80 -12.54 29.34
CA ASN A 53 -2.54 -13.43 30.47
C ASN A 53 -1.20 -14.14 30.37
N THR A 54 -0.87 -14.70 29.21
CA THR A 54 0.36 -15.48 29.08
C THR A 54 1.56 -14.65 28.68
N LYS A 55 1.35 -13.45 28.16
CA LYS A 55 2.38 -12.59 27.56
C LYS A 55 2.99 -13.19 26.30
N ARG A 56 2.47 -14.31 25.81
CA ARG A 56 2.97 -14.88 24.57
C ARG A 56 2.56 -14.00 23.40
N SER A 57 3.51 -13.76 22.50
CA SER A 57 3.25 -12.96 21.31
C SER A 57 2.06 -13.49 20.53
N ARG A 58 1.26 -12.57 19.99
N ARG A 58 1.32 -12.56 19.93
CA ARG A 58 0.20 -12.89 19.06
CA ARG A 58 0.20 -12.93 19.05
C ARG A 58 0.71 -12.93 17.62
C ARG A 58 0.72 -12.97 17.60
N GLY A 59 2.01 -12.70 17.41
CA GLY A 59 2.57 -12.82 16.08
C GLY A 59 2.37 -11.63 15.18
N PHE A 60 1.93 -10.49 15.71
CA PHE A 60 1.80 -9.28 14.92
C PHE A 60 2.02 -8.08 15.82
N GLY A 61 2.26 -6.94 15.19
CA GLY A 61 2.43 -5.70 15.91
C GLY A 61 2.30 -4.52 14.95
N PHE A 62 2.72 -3.35 15.42
CA PHE A 62 2.66 -2.20 14.55
C PHE A 62 3.79 -1.26 14.93
N VAL A 63 4.18 -0.44 13.96
CA VAL A 63 5.15 0.62 14.18
C VAL A 63 4.55 1.90 13.62
N THR A 64 4.92 3.03 14.21
CA THR A 64 4.45 4.33 13.73
C THR A 64 5.68 5.18 13.42
N TYR A 65 5.79 5.62 12.17
CA TYR A 65 6.87 6.51 11.75
C TYR A 65 6.48 7.97 11.97
N ALA A 66 7.50 8.83 11.93
CA ALA A 66 7.25 10.26 12.08
C ALA A 66 6.63 10.88 10.83
N THR A 67 6.87 10.29 9.65
CA THR A 67 6.37 10.84 8.40
C THR A 67 5.95 9.72 7.45
N VAL A 68 5.08 10.09 6.50
CA VAL A 68 4.65 9.17 5.45
C VAL A 68 5.82 8.76 4.56
N GLU A 69 6.75 9.67 4.27
CA GLU A 69 7.91 9.29 3.47
C GLU A 69 8.70 8.16 4.12
N GLU A 70 8.77 8.14 5.45
CA GLU A 70 9.42 7.04 6.15
C GLU A 70 8.64 5.74 5.99
N VAL A 71 7.31 5.78 6.04
CA VAL A 71 6.52 4.59 5.73
C VAL A 71 6.89 4.07 4.35
N ASP A 72 6.94 4.98 3.37
CA ASP A 72 7.31 4.60 2.01
C ASP A 72 8.67 3.93 1.98
N ALA A 73 9.65 4.51 2.69
CA ALA A 73 10.99 3.93 2.69
C ALA A 73 10.98 2.52 3.27
N ALA A 74 10.22 2.32 4.35
CA ALA A 74 10.12 0.97 4.92
C ALA A 74 9.47 0.01 3.95
N MET A 75 8.37 0.42 3.31
CA MET A 75 7.72 -0.47 2.36
C MET A 75 8.62 -0.76 1.16
N ASN A 76 9.41 0.23 0.74
CA ASN A 76 10.32 0.01 -0.39
C ASN A 76 11.48 -0.90 -0.04
N ALA A 77 11.74 -1.12 1.25
CA ALA A 77 12.81 -2.00 1.70
C ALA A 77 12.34 -3.43 1.95
N ARG A 78 11.08 -3.75 1.66
CA ARG A 78 10.66 -5.14 1.72
C ARG A 78 11.45 -5.95 0.70
N PRO A 79 11.60 -7.27 0.92
CA PRO A 79 11.10 -8.04 2.06
C PRO A 79 11.89 -7.80 3.33
N HIS A 80 11.19 -7.74 4.45
CA HIS A 80 11.80 -7.55 5.76
C HIS A 80 11.90 -8.87 6.49
N LYS A 81 13.12 -9.25 6.84
CA LYS A 81 13.37 -10.42 7.66
C LYS A 81 13.71 -9.90 9.04
N VAL A 82 12.80 -10.11 9.99
CA VAL A 82 12.90 -9.57 11.34
C VAL A 82 13.10 -10.76 12.27
N ASP A 83 14.22 -10.78 12.98
CA ASP A 83 14.51 -11.88 13.89
C ASP A 83 14.39 -13.24 13.20
N GLY A 84 14.84 -13.30 11.95
CA GLY A 84 14.92 -14.54 11.22
C GLY A 84 13.70 -14.94 10.41
N ARG A 85 12.63 -14.15 10.43
CA ARG A 85 11.40 -14.51 9.76
C ARG A 85 10.95 -13.36 8.84
N VAL A 86 10.54 -13.69 7.63
CA VAL A 86 10.02 -12.68 6.72
C VAL A 86 8.62 -12.27 7.19
N VAL A 87 8.44 -10.97 7.45
CA VAL A 87 7.19 -10.46 7.99
C VAL A 87 6.37 -9.80 6.89
N GLU A 88 5.16 -9.36 7.23
CA GLU A 88 4.23 -8.83 6.24
C GLU A 88 3.74 -7.46 6.70
N PRO A 89 4.41 -6.38 6.28
CA PRO A 89 3.96 -5.04 6.64
C PRO A 89 2.88 -4.56 5.68
N LYS A 90 1.89 -3.90 6.26
CA LYS A 90 0.82 -3.27 5.45
C LYS A 90 0.45 -1.93 6.10
N ARG A 91 0.12 -0.97 5.25
CA ARG A 91 -0.36 0.32 5.80
C ARG A 91 -1.84 0.28 6.16
N ALA A 92 -2.39 1.44 6.51
CA ALA A 92 -3.85 1.58 6.74
C ALA A 92 -4.50 2.17 5.47
N LEU A 105 -9.27 -6.98 1.37
CA LEU A 105 -8.78 -5.62 1.46
C LEU A 105 -7.43 -5.48 0.75
N THR A 106 -6.63 -6.54 0.75
CA THR A 106 -5.30 -6.50 0.13
C THR A 106 -5.42 -6.93 -1.33
N VAL A 107 -5.37 -5.96 -2.24
CA VAL A 107 -5.51 -6.24 -3.66
C VAL A 107 -4.45 -5.48 -4.45
N LYS A 108 -4.27 -5.90 -5.69
CA LYS A 108 -3.26 -5.31 -6.57
C LYS A 108 -3.86 -4.57 -7.75
N LYS A 109 -5.18 -4.39 -7.79
CA LYS A 109 -5.85 -3.84 -8.96
C LYS A 109 -6.75 -2.70 -8.53
N ILE A 110 -6.81 -1.65 -9.35
CA ILE A 110 -7.67 -0.51 -9.12
C ILE A 110 -8.61 -0.28 -10.29
N PHE A 111 -9.78 0.24 -9.96
CA PHE A 111 -10.68 0.85 -10.92
C PHE A 111 -10.36 2.35 -10.98
N VAL A 112 -10.30 2.88 -12.20
CA VAL A 112 -10.06 4.31 -12.43
C VAL A 112 -11.22 4.82 -13.26
N GLY A 113 -12.05 5.68 -12.67
CA GLY A 113 -13.21 6.20 -13.37
C GLY A 113 -13.13 7.68 -13.66
N GLY A 114 -13.94 8.13 -14.62
CA GLY A 114 -14.00 9.53 -14.97
C GLY A 114 -12.98 9.96 -15.98
N ILE A 115 -12.37 9.02 -16.71
CA ILE A 115 -11.32 9.34 -17.66
C ILE A 115 -11.87 9.73 -19.03
N LYS A 116 -13.18 9.58 -19.25
CA LYS A 116 -13.82 10.02 -20.48
C LYS A 116 -13.29 9.26 -21.70
N GLU A 117 -13.37 9.87 -22.89
CA GLU A 117 -12.99 9.16 -24.10
C GLU A 117 -11.60 9.50 -24.61
N ASP A 118 -10.98 10.57 -24.10
CA ASP A 118 -9.68 11.00 -24.63
C ASP A 118 -8.49 10.47 -23.84
N THR A 119 -8.70 9.67 -22.81
CA THR A 119 -7.60 9.18 -21.99
C THR A 119 -7.06 7.88 -22.56
N GLU A 120 -5.74 7.84 -22.74
CA GLU A 120 -5.05 6.73 -23.39
C GLU A 120 -4.12 6.04 -22.40
N GLU A 121 -3.55 4.91 -22.84
CA GLU A 121 -2.72 4.09 -21.97
C GLU A 121 -1.58 4.87 -21.36
N HIS A 122 -0.90 5.67 -22.17
CA HIS A 122 0.31 6.34 -21.69
C HIS A 122 0.01 7.37 -20.61
N HIS A 123 -1.17 8.01 -20.66
CA HIS A 123 -1.58 8.91 -19.58
C HIS A 123 -1.67 8.16 -18.27
N LEU A 124 -2.37 7.02 -18.28
CA LEU A 124 -2.51 6.22 -17.08
C LEU A 124 -1.17 5.66 -16.62
N ARG A 125 -0.34 5.21 -17.57
CA ARG A 125 0.93 4.60 -17.18
C ARG A 125 1.89 5.64 -16.60
N ASP A 126 1.99 6.82 -17.24
CA ASP A 126 2.96 7.80 -16.75
C ASP A 126 2.63 8.25 -15.33
N TYR A 127 1.34 8.31 -15.01
CA TYR A 127 0.92 8.72 -13.67
C TYR A 127 1.07 7.57 -12.68
N PHE A 128 0.43 6.43 -12.97
CA PHE A 128 0.37 5.37 -11.98
C PHE A 128 1.69 4.64 -11.78
N GLU A 129 2.61 4.69 -12.76
CA GLU A 129 3.88 4.01 -12.59
C GLU A 129 4.70 4.57 -11.44
N GLN A 130 4.39 5.78 -10.99
CA GLN A 130 5.09 6.35 -9.85
C GLN A 130 4.56 5.86 -8.52
N TYR A 131 3.46 5.09 -8.51
CA TYR A 131 2.97 4.42 -7.33
C TYR A 131 3.47 2.99 -7.21
N GLY A 132 3.81 2.35 -8.32
CA GLY A 132 4.28 0.98 -8.28
C GLY A 132 4.48 0.47 -9.68
N LYS A 133 4.96 -0.76 -9.76
CA LYS A 133 5.22 -1.40 -11.04
C LYS A 133 3.92 -1.91 -11.64
N ILE A 134 3.59 -1.45 -12.83
CA ILE A 134 2.35 -1.81 -13.50
C ILE A 134 2.55 -3.08 -14.30
N GLU A 135 1.59 -4.00 -14.18
CA GLU A 135 1.57 -5.20 -15.01
C GLU A 135 0.51 -5.17 -16.09
N VAL A 136 -0.65 -4.57 -15.85
CA VAL A 136 -1.74 -4.55 -16.83
C VAL A 136 -2.44 -3.21 -16.76
N ILE A 137 -2.71 -2.62 -17.93
CA ILE A 137 -3.63 -1.51 -18.05
C ILE A 137 -4.73 -1.92 -19.01
N GLU A 138 -5.97 -1.83 -18.56
CA GLU A 138 -7.13 -2.23 -19.35
C GLU A 138 -8.07 -1.03 -19.47
N ILE A 139 -8.07 -0.37 -20.62
CA ILE A 139 -9.01 0.72 -20.89
C ILE A 139 -10.29 0.11 -21.43
N MET A 140 -11.41 0.39 -20.77
CA MET A 140 -12.63 -0.34 -21.06
C MET A 140 -13.35 0.25 -22.26
N THR A 141 -13.83 -0.63 -23.12
CA THR A 141 -14.55 -0.22 -24.32
C THR A 141 -15.89 -0.95 -24.37
N ASP A 142 -16.82 -0.34 -25.11
CA ASP A 142 -18.16 -0.90 -25.22
C ASP A 142 -18.15 -2.17 -26.07
N ARG A 143 -18.80 -3.21 -25.53
CA ARG A 143 -18.82 -4.54 -26.13
C ARG A 143 -19.41 -4.50 -27.53
N GLY A 144 -20.35 -3.59 -27.77
CA GLY A 144 -21.04 -3.50 -29.05
C GLY A 144 -20.38 -2.57 -30.04
N SER A 145 -19.98 -1.38 -29.60
CA SER A 145 -19.53 -0.33 -30.50
C SER A 145 -18.02 -0.14 -30.51
N GLY A 146 -17.32 -0.64 -29.48
CA GLY A 146 -15.91 -0.36 -29.35
C GLY A 146 -15.55 1.00 -28.80
N LYS A 147 -16.53 1.85 -28.50
CA LYS A 147 -16.20 3.17 -27.98
C LYS A 147 -15.72 3.08 -26.55
N LYS A 148 -14.82 3.99 -26.18
CA LYS A 148 -14.31 4.02 -24.82
C LYS A 148 -15.45 4.35 -23.86
N ARG A 149 -15.46 3.64 -22.72
CA ARG A 149 -16.52 3.81 -21.75
C ARG A 149 -16.18 4.83 -20.67
N GLY A 150 -14.93 5.28 -20.62
CA GLY A 150 -14.54 6.27 -19.63
C GLY A 150 -14.04 5.69 -18.32
N PHE A 151 -13.61 4.44 -18.29
CA PHE A 151 -12.98 3.90 -17.09
C PHE A 151 -11.97 2.84 -17.49
N ALA A 152 -11.11 2.48 -16.54
CA ALA A 152 -10.00 1.58 -16.80
C ALA A 152 -9.70 0.83 -15.52
N PHE A 153 -8.94 -0.26 -15.68
CA PHE A 153 -8.36 -0.98 -14.56
C PHE A 153 -6.84 -1.02 -14.72
N VAL A 154 -6.15 -0.84 -13.60
CA VAL A 154 -4.69 -0.94 -13.58
C VAL A 154 -4.33 -2.00 -12.54
N THR A 155 -3.48 -2.94 -12.94
CA THR A 155 -3.00 -4.00 -12.06
C THR A 155 -1.52 -3.78 -11.82
N PHE A 156 -1.11 -3.81 -10.55
CA PHE A 156 0.27 -3.63 -10.14
C PHE A 156 0.85 -4.95 -9.67
N ASP A 157 2.16 -4.98 -9.49
CA ASP A 157 2.79 -6.21 -8.99
C ASP A 157 2.69 -6.39 -7.49
N ASP A 158 2.08 -5.44 -6.77
CA ASP A 158 2.13 -5.49 -5.32
C ASP A 158 1.06 -4.56 -4.77
N HIS A 159 0.53 -4.92 -3.60
CA HIS A 159 -0.62 -4.23 -3.02
C HIS A 159 -0.28 -2.84 -2.49
N ASP A 160 0.98 -2.55 -2.15
CA ASP A 160 1.24 -1.27 -1.50
C ASP A 160 0.97 -0.11 -2.45
N SER A 161 1.20 -0.30 -3.75
N SER A 161 1.21 -0.30 -3.75
CA SER A 161 0.85 0.71 -4.73
CA SER A 161 0.86 0.71 -4.74
C SER A 161 -0.61 1.10 -4.57
C SER A 161 -0.61 1.10 -4.64
N VAL A 162 -1.49 0.10 -4.58
CA VAL A 162 -2.92 0.35 -4.44
C VAL A 162 -3.23 1.05 -3.12
N ASP A 163 -2.59 0.61 -2.03
CA ASP A 163 -2.86 1.22 -0.74
C ASP A 163 -2.48 2.70 -0.73
N LYS A 164 -1.34 3.05 -1.32
CA LYS A 164 -0.97 4.46 -1.44
C LYS A 164 -1.98 5.24 -2.27
N ILE A 165 -2.46 4.63 -3.36
CA ILE A 165 -3.33 5.31 -4.29
C ILE A 165 -4.65 5.65 -3.63
N VAL A 166 -5.27 4.68 -2.95
CA VAL A 166 -6.64 4.86 -2.49
C VAL A 166 -6.77 5.79 -1.31
N ILE A 167 -5.67 6.10 -0.61
CA ILE A 167 -5.75 7.03 0.49
C ILE A 167 -5.60 8.48 0.06
N GLN A 168 -5.18 8.74 -1.18
CA GLN A 168 -5.15 10.11 -1.67
C GLN A 168 -6.57 10.66 -1.83
N LYS A 169 -6.75 11.94 -1.48
CA LYS A 169 -8.05 12.58 -1.73
C LYS A 169 -8.34 12.78 -3.21
N TYR A 170 -7.31 12.98 -4.03
CA TYR A 170 -7.47 13.41 -5.41
C TYR A 170 -6.54 12.63 -6.32
N HIS A 171 -7.01 12.36 -7.54
CA HIS A 171 -6.17 11.87 -8.63
C HIS A 171 -6.50 12.63 -9.89
N THR A 172 -5.49 13.26 -10.48
CA THR A 172 -5.62 14.05 -11.70
C THR A 172 -4.81 13.37 -12.79
N VAL A 173 -5.50 12.92 -13.83
CA VAL A 173 -4.88 12.23 -14.97
C VAL A 173 -5.47 12.81 -16.24
N ASN A 174 -4.61 13.30 -17.13
CA ASN A 174 -5.06 13.83 -18.41
C ASN A 174 -6.06 14.97 -18.21
N GLY A 175 -5.77 15.82 -17.22
CA GLY A 175 -6.64 16.93 -16.86
C GLY A 175 -7.93 16.56 -16.19
N HIS A 176 -8.24 15.28 -16.01
CA HIS A 176 -9.48 14.83 -15.43
C HIS A 176 -9.26 14.54 -13.95
N ASN A 177 -10.21 14.94 -13.11
CA ASN A 177 -10.27 14.45 -11.74
C ASN A 177 -10.94 13.09 -11.72
N CYS A 178 -10.20 12.07 -11.31
CA CYS A 178 -10.64 10.68 -11.44
C CYS A 178 -11.12 10.13 -10.11
N GLU A 179 -12.02 9.15 -10.19
CA GLU A 179 -12.42 8.34 -9.06
C GLU A 179 -11.62 7.05 -9.09
N VAL A 180 -10.94 6.74 -8.01
CA VAL A 180 -10.09 5.55 -7.96
C VAL A 180 -10.49 4.72 -6.75
N ARG A 181 -10.69 3.43 -6.96
CA ARG A 181 -11.06 2.52 -5.89
C ARG A 181 -10.39 1.17 -6.10
N LYS A 182 -10.30 0.39 -5.02
CA LYS A 182 -9.81 -0.97 -5.13
C LYS A 182 -10.77 -1.78 -6.01
N ALA A 183 -10.20 -2.68 -6.82
CA ALA A 183 -10.98 -3.52 -7.73
C ALA A 183 -10.92 -4.98 -7.29
N LEU A 184 -12.10 -5.58 -7.13
CA LEU A 184 -12.29 -7.00 -6.79
C LEU A 184 -11.45 -7.45 -5.59
#